data_2DGN
#
_entry.id   2DGN
#
_cell.length_a   70.112
_cell.length_b   70.112
_cell.length_c   199.033
_cell.angle_alpha   90.00
_cell.angle_beta   90.00
_cell.angle_gamma   90.00
#
_symmetry.space_group_name_H-M   'P 43 21 2'
#
loop_
_entity.id
_entity.type
_entity.pdbx_description
1 polymer 'Adenylosuccinate synthetase isozyme 1'
2 non-polymer 'MAGNESIUM ION'
3 non-polymer 9-(2-DEOXY-5-O-PHOSPHONO-BETA-D-ERYTHRO-PENTOFURANOSYL)-6-(PHOSPHONOOXY)-9H-PURINE
4 non-polymer "GUANOSINE-5'-DIPHOSPHATE"
5 water water
#
_entity_poly.entity_id   1
_entity_poly.type   'polypeptide(L)'
_entity_poly.pdbx_seq_one_letter_code
;MSGTRASNDRPPGTGGVKRGRLQQEAAATGSRVTVVLGAQWGDEGKGKVVDLLATDADIVSRCQGGNNAGHTVVVDGKEY
DFHLLPSGIINTKAVSFIGNGVVIHLPGLFEEAEKNEKKGLKDWEKRLIISDRAHLVFDFHQAVDGLQEVQRQAQEGKNI
GTTKKGIGPTYSSKAARTGLRICDLLSDFDEFSARFKNLAHQHQSMFPTLEIDVEGQLKRLKGFAERIRPMVRDGVYFMY
EALHGPPKKVLVEGANAALLDIDFGTYPFVTSSNCTVGGVCTGLGIPPQNIGDVYGVVKAYTTRVGIGAFPTEQINEIGD
LLQNRGHEWGVTTGRKRRCGWLDLMILRYAHMVNGFTALALTKLDILDVLSEIKVGISYKLNGKRIPYFPANQEILQKVE
VEYETLPGWKADTTGARKWEDLPPQAQSYVRFVENHMGVAVKWVGVGKSRESMIQLF
;
_entity_poly.pdbx_strand_id   A
#
# COMPACT_ATOMS: atom_id res chain seq x y z
N ALA A 27 -26.41 1.51 15.20
CA ALA A 27 -26.70 2.51 16.27
C ALA A 27 -26.09 2.05 17.60
N ALA A 28 -25.90 0.74 17.73
CA ALA A 28 -25.33 0.17 18.94
C ALA A 28 -23.81 0.11 18.84
N THR A 29 -23.32 -0.39 17.71
CA THR A 29 -21.89 -0.50 17.49
C THR A 29 -21.28 0.77 16.91
N GLY A 30 -22.13 1.66 16.40
CA GLY A 30 -21.65 2.90 15.82
C GLY A 30 -21.49 2.78 14.32
N SER A 31 -20.87 3.78 13.69
CA SER A 31 -20.69 3.71 12.24
C SER A 31 -19.55 2.77 11.86
N ARG A 32 -19.66 2.15 10.67
CA ARG A 32 -18.63 1.22 10.20
C ARG A 32 -17.75 1.87 9.13
N VAL A 33 -16.47 1.52 9.12
CA VAL A 33 -15.55 2.10 8.15
C VAL A 33 -15.43 1.28 6.87
N THR A 34 -15.08 1.95 5.77
CA THR A 34 -14.90 1.31 4.47
C THR A 34 -13.41 1.14 4.27
N VAL A 35 -12.97 -0.04 3.83
CA VAL A 35 -11.55 -0.30 3.64
C VAL A 35 -11.16 -0.60 2.20
N VAL A 36 -9.97 -0.12 1.82
CA VAL A 36 -9.42 -0.35 0.49
C VAL A 36 -8.05 -0.98 0.69
N LEU A 37 -7.90 -2.24 0.25
CA LEU A 37 -6.64 -2.96 0.39
C LEU A 37 -6.11 -3.48 -0.95
N GLY A 38 -4.80 -3.64 -1.03
CA GLY A 38 -4.18 -4.16 -2.23
C GLY A 38 -4.33 -5.67 -2.17
N ALA A 39 -4.58 -6.30 -3.31
CA ALA A 39 -4.78 -7.75 -3.31
C ALA A 39 -3.63 -8.56 -3.90
N GLN A 40 -2.62 -7.89 -4.41
CA GLN A 40 -1.50 -8.63 -5.01
C GLN A 40 -0.18 -8.26 -4.36
N TRP A 41 0.74 -7.67 -5.12
CA TRP A 41 2.04 -7.26 -4.57
C TRP A 41 2.23 -5.75 -4.63
N GLY A 42 1.13 -5.02 -4.47
CA GLY A 42 1.19 -3.57 -4.49
C GLY A 42 0.92 -2.94 -5.84
N ASP A 43 0.83 -1.62 -5.83
CA ASP A 43 0.58 -0.84 -7.03
C ASP A 43 -0.61 -1.29 -7.87
N GLU A 44 -1.67 -1.74 -7.20
CA GLU A 44 -2.89 -2.18 -7.88
C GLU A 44 -3.76 -1.01 -8.26
N GLY A 45 -3.59 0.12 -7.58
CA GLY A 45 -4.39 1.29 -7.88
C GLY A 45 -5.21 1.74 -6.67
N LYS A 46 -4.61 1.61 -5.49
CA LYS A 46 -5.27 2.01 -4.24
C LYS A 46 -5.51 3.52 -4.21
N GLY A 47 -4.52 4.28 -4.63
CA GLY A 47 -4.67 5.72 -4.63
C GLY A 47 -5.89 6.13 -5.43
N LYS A 48 -6.06 5.49 -6.57
CA LYS A 48 -7.19 5.77 -7.46
C LYS A 48 -8.52 5.38 -6.83
N VAL A 49 -8.63 4.17 -6.31
CA VAL A 49 -9.89 3.76 -5.71
C VAL A 49 -10.23 4.58 -4.48
N VAL A 50 -9.23 4.83 -3.64
CA VAL A 50 -9.44 5.63 -2.45
C VAL A 50 -9.90 7.03 -2.83
N ASP A 51 -9.21 7.66 -3.78
CA ASP A 51 -9.58 9.01 -4.20
C ASP A 51 -11.05 9.08 -4.64
N LEU A 52 -11.48 8.06 -5.36
CA LEU A 52 -12.85 8.02 -5.83
C LEU A 52 -13.83 7.94 -4.66
N LEU A 53 -13.52 7.10 -3.67
CA LEU A 53 -14.37 6.92 -2.51
C LEU A 53 -14.29 8.03 -1.45
N ALA A 54 -13.23 8.84 -1.51
CA ALA A 54 -13.06 9.91 -0.54
C ALA A 54 -13.84 11.18 -0.85
N THR A 55 -14.45 11.23 -2.03
CA THR A 55 -15.20 12.43 -2.43
C THR A 55 -16.31 12.80 -1.45
N ASP A 56 -16.89 11.82 -0.77
CA ASP A 56 -17.94 12.12 0.20
C ASP A 56 -17.61 11.56 1.57
N ALA A 57 -16.32 11.36 1.83
CA ALA A 57 -15.88 10.83 3.11
C ALA A 57 -15.58 11.95 4.08
N ASP A 58 -15.88 11.72 5.36
CA ASP A 58 -15.64 12.70 6.41
C ASP A 58 -14.21 12.53 6.92
N ILE A 59 -13.74 11.29 6.89
CA ILE A 59 -12.40 10.95 7.37
C ILE A 59 -11.75 9.91 6.45
N VAL A 60 -10.50 10.17 6.07
CA VAL A 60 -9.77 9.23 5.21
C VAL A 60 -8.49 8.99 5.98
N SER A 61 -8.09 7.72 6.12
CA SER A 61 -6.89 7.46 6.88
C SER A 61 -6.02 6.28 6.46
N ARG A 62 -4.77 6.33 6.94
CA ARG A 62 -3.77 5.30 6.70
C ARG A 62 -3.64 4.58 8.05
N CYS A 63 -3.42 3.28 8.02
CA CYS A 63 -3.32 2.53 9.27
C CYS A 63 -1.98 1.83 9.46
N GLN A 64 -1.30 1.50 8.37
CA GLN A 64 -0.01 0.82 8.48
C GLN A 64 0.92 1.28 7.37
N GLY A 65 2.20 0.91 7.47
CA GLY A 65 3.18 1.29 6.47
C GLY A 65 3.76 2.67 6.71
N GLY A 66 4.57 3.13 5.76
CA GLY A 66 5.21 4.43 5.82
C GLY A 66 5.26 4.99 4.41
N ASN A 67 6.19 5.89 4.11
CA ASN A 67 6.25 6.41 2.75
C ASN A 67 6.90 5.41 1.80
N ASN A 68 6.93 4.14 2.21
CA ASN A 68 7.48 3.11 1.33
C ASN A 68 6.38 2.93 0.29
N ALA A 69 5.19 3.38 0.67
CA ALA A 69 4.01 3.32 -0.20
C ALA A 69 4.05 4.49 -1.20
N GLY A 70 3.40 4.29 -2.35
CA GLY A 70 3.34 5.32 -3.38
C GLY A 70 2.00 5.23 -4.05
N HIS A 71 1.11 6.17 -3.75
CA HIS A 71 -0.23 6.17 -4.30
C HIS A 71 -0.52 7.35 -5.20
N THR A 72 -0.74 7.04 -6.48
CA THR A 72 -1.01 8.01 -7.54
C THR A 72 -2.48 8.38 -7.68
N VAL A 73 -2.75 9.68 -7.77
CA VAL A 73 -4.13 10.15 -7.93
C VAL A 73 -4.22 11.14 -9.10
N VAL A 74 -5.23 10.97 -9.94
CA VAL A 74 -5.43 11.86 -11.08
C VAL A 74 -6.83 12.49 -11.10
N VAL A 75 -6.92 13.74 -10.65
CA VAL A 75 -8.17 14.48 -10.61
C VAL A 75 -8.01 15.64 -11.59
N ASP A 76 -8.95 15.75 -12.53
CA ASP A 76 -8.88 16.79 -13.55
C ASP A 76 -7.65 16.52 -14.39
N GLY A 77 -6.80 17.53 -14.54
CA GLY A 77 -5.59 17.33 -15.31
C GLY A 77 -4.40 17.35 -14.37
N LYS A 78 -4.69 17.17 -13.09
CA LYS A 78 -3.68 17.20 -12.06
C LYS A 78 -3.36 15.78 -11.56
N GLU A 79 -2.07 15.46 -11.48
CA GLU A 79 -1.63 14.15 -11.01
C GLU A 79 -0.82 14.28 -9.71
N TYR A 80 -1.17 13.48 -8.71
CA TYR A 80 -0.48 13.51 -7.43
C TYR A 80 0.07 12.14 -7.07
N ASP A 81 1.09 12.10 -6.23
CA ASP A 81 1.64 10.83 -5.78
C ASP A 81 1.95 10.95 -4.29
N PHE A 82 0.99 10.50 -3.49
CA PHE A 82 1.10 10.54 -2.05
C PHE A 82 1.86 9.34 -1.51
N HIS A 83 2.35 9.44 -0.28
CA HIS A 83 3.12 8.37 0.32
C HIS A 83 2.77 8.24 1.80
N LEU A 84 2.81 9.37 2.52
CA LEU A 84 2.46 9.40 3.94
C LEU A 84 1.10 10.05 4.06
N LEU A 85 0.83 11.04 3.21
CA LEU A 85 -0.46 11.71 3.26
C LEU A 85 -1.56 10.79 2.75
N PRO A 86 -2.70 10.74 3.44
CA PRO A 86 -3.76 9.86 2.93
C PRO A 86 -4.16 10.45 1.57
N SER A 87 -4.62 9.62 0.64
CA SER A 87 -4.99 10.10 -0.68
C SER A 87 -6.21 11.03 -0.68
N GLY A 88 -6.86 11.17 0.47
CA GLY A 88 -8.01 12.05 0.56
C GLY A 88 -7.64 13.45 1.00
N ILE A 89 -6.33 13.72 1.07
CA ILE A 89 -5.86 15.03 1.49
C ILE A 89 -6.35 16.09 0.50
N ILE A 90 -6.70 15.61 -0.69
CA ILE A 90 -7.22 16.40 -1.81
C ILE A 90 -8.58 17.02 -1.49
N ASN A 91 -9.41 16.27 -0.78
CA ASN A 91 -10.73 16.72 -0.39
C ASN A 91 -10.59 17.68 0.80
N THR A 92 -10.61 18.98 0.52
CA THR A 92 -10.48 19.98 1.58
C THR A 92 -11.57 19.91 2.65
N LYS A 93 -12.70 19.28 2.33
CA LYS A 93 -13.80 19.18 3.30
C LYS A 93 -13.71 17.93 4.18
N ALA A 94 -12.65 17.14 3.99
CA ALA A 94 -12.47 15.93 4.78
C ALA A 94 -11.20 15.99 5.61
N VAL A 95 -11.17 15.20 6.68
CA VAL A 95 -10.02 15.15 7.56
C VAL A 95 -9.19 13.93 7.24
N SER A 96 -7.90 14.14 7.01
CA SER A 96 -6.99 13.04 6.71
C SER A 96 -6.36 12.65 8.03
N PHE A 97 -6.30 11.34 8.28
CA PHE A 97 -5.76 10.83 9.54
C PHE A 97 -4.71 9.75 9.37
N ILE A 98 -3.59 9.93 10.07
CA ILE A 98 -2.50 8.97 10.06
C ILE A 98 -2.54 8.19 11.38
N GLY A 99 -2.98 6.94 11.31
CA GLY A 99 -3.11 6.11 12.50
C GLY A 99 -1.86 5.68 13.24
N ASN A 100 -2.06 5.02 14.37
CA ASN A 100 -0.95 4.56 15.20
C ASN A 100 -0.07 3.49 14.55
N GLY A 101 -0.61 2.75 13.59
CA GLY A 101 0.16 1.70 12.98
C GLY A 101 1.19 2.13 11.97
N VAL A 102 1.08 3.38 11.52
CA VAL A 102 1.98 3.97 10.54
C VAL A 102 3.32 4.39 11.16
N VAL A 103 4.37 4.37 10.34
CA VAL A 103 5.69 4.80 10.80
C VAL A 103 6.03 6.06 10.01
N ILE A 104 6.17 7.16 10.75
CA ILE A 104 6.42 8.45 10.16
C ILE A 104 7.86 8.96 10.13
N HIS A 105 8.30 9.33 8.94
CA HIS A 105 9.63 9.92 8.77
C HIS A 105 9.30 11.39 8.53
N LEU A 106 9.45 12.20 9.57
CA LEU A 106 9.14 13.61 9.51
C LEU A 106 9.69 14.37 8.29
N PRO A 107 10.98 14.22 7.97
CA PRO A 107 11.49 14.95 6.81
C PRO A 107 10.72 14.59 5.53
N GLY A 108 10.57 13.29 5.26
CA GLY A 108 9.85 12.85 4.09
C GLY A 108 8.41 13.35 4.06
N LEU A 109 7.78 13.39 5.24
CA LEU A 109 6.41 13.88 5.34
C LEU A 109 6.30 15.29 4.77
N PHE A 110 7.11 16.19 5.30
CA PHE A 110 7.09 17.58 4.84
C PHE A 110 7.55 17.77 3.41
N GLU A 111 8.57 17.00 2.99
CA GLU A 111 9.06 17.10 1.62
C GLU A 111 7.89 16.79 0.70
N GLU A 112 7.15 15.74 1.03
CA GLU A 112 5.99 15.29 0.26
C GLU A 112 4.93 16.38 0.20
N ALA A 113 4.54 16.88 1.36
CA ALA A 113 3.53 17.92 1.45
C ALA A 113 3.88 19.16 0.62
N GLU A 114 5.12 19.59 0.69
CA GLU A 114 5.56 20.76 -0.06
C GLU A 114 5.54 20.47 -1.55
N LYS A 115 6.02 19.28 -1.90
CA LYS A 115 6.03 18.88 -3.30
C LYS A 115 4.63 18.96 -3.88
N ASN A 116 3.62 18.73 -3.02
CA ASN A 116 2.23 18.80 -3.45
C ASN A 116 1.66 20.20 -3.29
N GLU A 117 2.22 20.97 -2.36
CA GLU A 117 1.77 22.34 -2.16
C GLU A 117 1.98 23.07 -3.49
N LYS A 118 3.09 22.75 -4.14
CA LYS A 118 3.42 23.37 -5.41
C LYS A 118 2.48 22.92 -6.53
N LYS A 119 1.71 21.86 -6.28
CA LYS A 119 0.76 21.36 -7.28
C LYS A 119 -0.65 21.82 -6.94
N GLY A 120 -0.75 22.81 -6.05
CA GLY A 120 -2.04 23.34 -5.67
C GLY A 120 -2.53 22.96 -4.29
N LEU A 121 -1.88 21.99 -3.65
CA LEU A 121 -2.30 21.57 -2.32
C LEU A 121 -2.11 22.74 -1.35
N LYS A 122 -3.20 23.18 -0.73
CA LYS A 122 -3.15 24.28 0.21
C LYS A 122 -3.97 23.97 1.46
N ASP A 123 -3.51 24.47 2.60
CA ASP A 123 -4.18 24.27 3.89
C ASP A 123 -4.30 22.82 4.34
N TRP A 124 -3.38 21.97 3.89
CA TRP A 124 -3.41 20.55 4.27
C TRP A 124 -3.25 20.38 5.78
N GLU A 125 -2.29 21.11 6.35
CA GLU A 125 -2.00 21.06 7.77
C GLU A 125 -3.22 21.34 8.66
N LYS A 126 -4.24 21.96 8.08
CA LYS A 126 -5.44 22.30 8.84
C LYS A 126 -6.44 21.15 8.82
N ARG A 127 -6.22 20.19 7.94
CA ARG A 127 -7.11 19.03 7.86
C ARG A 127 -6.35 17.71 7.92
N LEU A 128 -5.19 17.74 8.59
CA LEU A 128 -4.38 16.55 8.77
C LEU A 128 -4.21 16.31 10.27
N ILE A 129 -4.51 15.09 10.72
CA ILE A 129 -4.40 14.69 12.12
C ILE A 129 -3.44 13.52 12.24
N ILE A 130 -2.54 13.60 13.22
CA ILE A 130 -1.57 12.53 13.42
C ILE A 130 -1.78 11.88 14.79
N SER A 131 -1.76 10.55 14.81
CA SER A 131 -1.94 9.78 16.04
C SER A 131 -0.66 9.90 16.86
N ASP A 132 -0.79 10.21 18.16
CA ASP A 132 0.38 10.36 19.00
C ASP A 132 1.05 9.05 19.36
N ARG A 133 0.50 7.94 18.87
CA ARG A 133 1.10 6.65 19.17
C ARG A 133 1.88 6.08 17.97
N ALA A 134 1.88 6.82 16.87
CA ALA A 134 2.60 6.39 15.67
C ALA A 134 4.10 6.44 15.92
N HIS A 135 4.86 5.54 15.30
CA HIS A 135 6.30 5.50 15.49
C HIS A 135 7.11 6.36 14.51
N LEU A 136 8.29 6.76 14.94
CA LEU A 136 9.16 7.61 14.13
C LEU A 136 10.25 6.89 13.36
N VAL A 137 10.32 7.17 12.06
CA VAL A 137 11.38 6.60 11.24
C VAL A 137 12.50 7.64 11.32
N PHE A 138 13.64 7.25 11.87
CA PHE A 138 14.76 8.18 11.99
C PHE A 138 15.70 8.00 10.81
N ASP A 139 16.48 9.05 10.51
CA ASP A 139 17.42 9.02 9.41
C ASP A 139 18.29 7.78 9.41
N PHE A 140 18.78 7.39 10.58
CA PHE A 140 19.63 6.22 10.66
C PHE A 140 18.87 4.93 10.33
N HIS A 141 17.55 4.96 10.48
CA HIS A 141 16.73 3.80 10.15
C HIS A 141 16.80 3.62 8.64
N GLN A 142 16.75 4.73 7.92
CA GLN A 142 16.81 4.70 6.45
C GLN A 142 18.19 4.26 6.00
N ALA A 143 19.23 4.81 6.63
CA ALA A 143 20.60 4.47 6.29
C ALA A 143 20.85 2.99 6.58
N VAL A 144 20.36 2.53 7.72
CA VAL A 144 20.53 1.13 8.09
C VAL A 144 19.78 0.21 7.13
N ASP A 145 18.63 0.68 6.64
CA ASP A 145 17.86 -0.11 5.69
C ASP A 145 18.74 -0.36 4.47
N GLY A 146 19.44 0.70 4.03
CA GLY A 146 20.32 0.57 2.88
C GLY A 146 21.51 -0.32 3.15
N LEU A 147 22.09 -0.18 4.34
CA LEU A 147 23.23 -0.99 4.74
C LEU A 147 22.89 -2.46 4.80
N GLN A 148 21.71 -2.79 5.34
CA GLN A 148 21.28 -4.18 5.45
C GLN A 148 21.06 -4.81 4.07
N GLU A 149 20.65 -3.99 3.12
CA GLU A 149 20.43 -4.46 1.75
C GLU A 149 21.74 -4.72 1.03
N VAL A 150 22.71 -3.82 1.20
CA VAL A 150 24.00 -3.96 0.55
C VAL A 150 24.69 -5.20 1.11
N GLN A 151 24.51 -5.42 2.41
CA GLN A 151 25.10 -6.56 3.08
C GLN A 151 24.48 -7.84 2.57
N ARG A 152 23.14 -7.89 2.51
CA ARG A 152 22.45 -9.07 2.01
C ARG A 152 22.83 -9.37 0.57
N GLN A 153 23.14 -8.32 -0.19
CA GLN A 153 23.52 -8.49 -1.58
C GLN A 153 24.90 -9.12 -1.71
N ALA A 154 25.89 -8.49 -1.07
CA ALA A 154 27.26 -8.99 -1.11
C ALA A 154 27.52 -10.14 -0.15
N GLN A 155 26.51 -10.53 0.62
CA GLN A 155 26.66 -11.63 1.57
C GLN A 155 26.06 -12.92 1.04
N GLU A 156 25.08 -12.82 0.14
CA GLU A 156 24.46 -14.02 -0.40
C GLU A 156 23.85 -13.90 -1.79
N GLY A 157 24.33 -12.93 -2.58
CA GLY A 157 23.85 -12.76 -3.93
C GLY A 157 22.50 -12.08 -4.19
N LYS A 158 21.68 -11.90 -3.16
CA LYS A 158 20.39 -11.26 -3.36
C LYS A 158 19.79 -10.71 -2.07
N ASN A 159 19.12 -9.57 -2.18
CA ASN A 159 18.47 -8.97 -1.03
C ASN A 159 16.95 -8.99 -1.19
N ILE A 160 16.27 -8.03 -0.57
CA ILE A 160 14.81 -7.96 -0.60
C ILE A 160 14.22 -7.05 -1.67
N GLY A 161 14.95 -6.01 -2.06
CA GLY A 161 14.42 -5.10 -3.06
C GLY A 161 13.65 -4.00 -2.36
N THR A 162 14.03 -3.77 -1.11
CA THR A 162 13.43 -2.75 -0.24
C THR A 162 13.35 -1.38 -0.90
N THR A 163 12.48 -0.52 -0.37
CA THR A 163 12.29 0.83 -0.87
C THR A 163 13.35 1.75 -0.26
N LYS A 164 14.13 1.19 0.66
CA LYS A 164 15.20 1.91 1.36
C LYS A 164 14.69 3.12 2.15
N LYS A 165 13.54 2.97 2.78
CA LYS A 165 12.94 4.02 3.59
C LYS A 165 13.10 3.71 5.08
N GLY A 166 13.82 2.63 5.37
CA GLY A 166 14.02 2.25 6.76
C GLY A 166 12.78 1.73 7.46
N ILE A 167 11.78 1.33 6.68
CA ILE A 167 10.53 0.80 7.22
C ILE A 167 10.81 -0.44 8.07
N GLY A 168 11.60 -1.36 7.53
CA GLY A 168 11.96 -2.57 8.23
C GLY A 168 12.66 -2.28 9.54
N PRO A 169 13.72 -1.45 9.54
CA PRO A 169 14.44 -1.12 10.76
C PRO A 169 13.55 -0.44 11.82
N THR A 170 12.68 0.45 11.37
CA THR A 170 11.80 1.16 12.29
C THR A 170 10.84 0.18 12.95
N TYR A 171 10.23 -0.72 12.16
CA TYR A 171 9.33 -1.70 12.72
C TYR A 171 10.07 -2.67 13.62
N SER A 172 11.35 -2.85 13.34
CA SER A 172 12.17 -3.73 14.15
C SER A 172 12.37 -3.10 15.53
N SER A 173 12.52 -1.78 15.56
CA SER A 173 12.70 -1.07 16.82
C SER A 173 11.36 -1.03 17.56
N LYS A 174 10.27 -0.90 16.81
CA LYS A 174 8.96 -0.88 17.43
C LYS A 174 8.74 -2.17 18.21
N ALA A 175 8.98 -3.31 17.57
CA ALA A 175 8.81 -4.59 18.22
C ALA A 175 9.72 -4.73 19.43
N ALA A 176 10.89 -4.11 19.36
CA ALA A 176 11.84 -4.18 20.46
C ALA A 176 11.51 -3.21 21.58
N ARG A 177 10.64 -2.24 21.28
CA ARG A 177 10.23 -1.19 22.23
C ARG A 177 11.35 -0.19 22.46
N THR A 178 12.29 -0.13 21.52
CA THR A 178 13.42 0.81 21.62
C THR A 178 13.12 2.05 20.78
N GLY A 179 12.17 1.92 19.87
CA GLY A 179 11.80 3.05 19.02
C GLY A 179 11.16 4.18 19.79
N LEU A 180 10.99 5.32 19.14
CA LEU A 180 10.37 6.47 19.77
C LEU A 180 9.11 6.83 19.01
N ARG A 181 8.14 7.41 19.70
CA ARG A 181 6.86 7.75 19.10
C ARG A 181 6.57 9.24 19.07
N ILE A 182 5.51 9.60 18.35
CA ILE A 182 5.09 11.00 18.23
C ILE A 182 4.96 11.66 19.59
N CYS A 183 4.31 10.96 20.53
CA CYS A 183 4.11 11.52 21.86
C CYS A 183 5.43 11.72 22.59
N ASP A 184 6.41 10.87 22.32
CA ASP A 184 7.71 10.99 22.96
C ASP A 184 8.41 12.25 22.45
N LEU A 185 8.25 12.53 21.17
CA LEU A 185 8.88 13.69 20.56
C LEU A 185 8.31 15.02 21.05
N LEU A 186 7.03 15.03 21.41
CA LEU A 186 6.38 16.25 21.89
C LEU A 186 6.49 16.53 23.38
N SER A 187 6.95 15.57 24.17
CA SER A 187 7.08 15.81 25.61
C SER A 187 8.47 16.35 25.95
N ASP A 188 9.06 15.91 27.05
CA ASP A 188 10.38 16.38 27.46
C ASP A 188 11.44 16.07 26.41
N PHE A 189 11.87 17.09 25.67
CA PHE A 189 12.86 16.88 24.62
C PHE A 189 14.18 16.33 25.13
N ASP A 190 14.51 16.59 26.39
CA ASP A 190 15.76 16.08 26.94
C ASP A 190 15.71 14.57 27.10
N GLU A 191 14.57 14.08 27.60
CA GLU A 191 14.39 12.64 27.75
C GLU A 191 14.38 12.00 26.35
N PHE A 192 13.70 12.64 25.42
CA PHE A 192 13.63 12.14 24.05
C PHE A 192 15.04 12.07 23.47
N SER A 193 15.83 13.12 23.70
CA SER A 193 17.19 13.16 23.19
C SER A 193 18.05 12.03 23.73
N ALA A 194 17.89 11.70 25.01
CA ALA A 194 18.67 10.64 25.63
C ALA A 194 18.31 9.28 25.05
N ARG A 195 17.03 8.98 25.00
CA ARG A 195 16.57 7.70 24.46
C ARG A 195 16.92 7.60 22.98
N PHE A 196 16.90 8.75 22.29
CA PHE A 196 17.24 8.79 20.87
C PHE A 196 18.68 8.37 20.68
N LYS A 197 19.57 8.98 21.45
CA LYS A 197 21.00 8.68 21.40
C LYS A 197 21.24 7.19 21.59
N ASN A 198 20.57 6.59 22.57
CA ASN A 198 20.72 5.17 22.83
C ASN A 198 20.30 4.34 21.63
N LEU A 199 19.15 4.69 21.06
CA LEU A 199 18.64 3.97 19.89
C LEU A 199 19.64 4.08 18.76
N ALA A 200 20.26 5.25 18.63
CA ALA A 200 21.25 5.51 17.58
C ALA A 200 22.48 4.62 17.75
N HIS A 201 23.06 4.66 18.95
CA HIS A 201 24.24 3.85 19.23
C HIS A 201 23.95 2.37 19.04
N GLN A 202 22.76 1.92 19.46
CA GLN A 202 22.39 0.52 19.30
C GLN A 202 22.48 0.12 17.83
N HIS A 203 22.19 1.06 16.94
CA HIS A 203 22.25 0.78 15.51
C HIS A 203 23.67 0.74 14.97
N GLN A 204 24.57 1.52 15.58
CA GLN A 204 25.95 1.53 15.17
C GLN A 204 26.64 0.25 15.64
N SER A 205 25.98 -0.49 16.51
CA SER A 205 26.55 -1.74 16.99
C SER A 205 26.30 -2.79 15.92
N MET A 206 25.22 -2.60 15.18
CA MET A 206 24.86 -3.52 14.10
C MET A 206 25.72 -3.21 12.88
N PHE A 207 25.97 -1.92 12.67
CA PHE A 207 26.80 -1.45 11.55
C PHE A 207 27.72 -0.35 12.05
N PRO A 208 28.92 -0.72 12.53
CA PRO A 208 29.91 0.25 13.06
C PRO A 208 30.35 1.35 12.09
N THR A 209 30.03 1.19 10.81
CA THR A 209 30.41 2.19 9.81
C THR A 209 29.32 3.22 9.61
N LEU A 210 28.18 3.03 10.27
CA LEU A 210 27.07 3.95 10.16
C LEU A 210 27.50 5.30 10.74
N GLU A 211 27.22 6.38 10.01
CA GLU A 211 27.59 7.71 10.48
C GLU A 211 26.76 8.21 11.66
N ILE A 212 25.63 8.86 11.37
CA ILE A 212 24.73 9.41 12.39
C ILE A 212 25.20 10.71 13.06
N ASP A 213 24.72 11.84 12.54
CA ASP A 213 25.02 13.15 13.10
C ASP A 213 24.02 13.39 14.21
N VAL A 214 24.28 12.81 15.36
CA VAL A 214 23.39 12.93 16.51
C VAL A 214 22.83 14.33 16.78
N GLU A 215 23.70 15.32 16.95
CA GLU A 215 23.20 16.65 17.22
C GLU A 215 22.44 17.28 16.07
N GLY A 216 22.91 17.06 14.85
CA GLY A 216 22.23 17.61 13.69
C GLY A 216 20.79 17.13 13.59
N GLN A 217 20.62 15.81 13.51
CA GLN A 217 19.29 15.19 13.41
C GLN A 217 18.46 15.62 14.61
N LEU A 218 19.05 15.48 15.81
CA LEU A 218 18.39 15.86 17.03
C LEU A 218 17.86 17.30 16.92
N LYS A 219 18.66 18.18 16.32
CA LYS A 219 18.27 19.57 16.17
C LYS A 219 17.11 19.73 15.18
N ARG A 220 17.19 19.04 14.05
CA ARG A 220 16.13 19.10 13.05
C ARG A 220 14.82 18.61 13.68
N LEU A 221 14.90 17.49 14.39
CA LEU A 221 13.72 16.90 15.03
C LEU A 221 13.00 17.90 15.93
N LYS A 222 13.74 18.70 16.69
CA LYS A 222 13.13 19.68 17.57
C LYS A 222 12.23 20.61 16.77
N GLY A 223 12.64 20.92 15.54
CA GLY A 223 11.84 21.79 14.70
C GLY A 223 10.56 21.10 14.29
N PHE A 224 10.67 19.85 13.83
CA PHE A 224 9.52 19.07 13.39
C PHE A 224 8.49 18.91 14.50
N ALA A 225 8.98 18.81 15.73
CA ALA A 225 8.12 18.66 16.89
C ALA A 225 7.10 19.80 16.95
N GLU A 226 7.60 21.03 16.87
CA GLU A 226 6.74 22.21 16.94
C GLU A 226 5.97 22.42 15.64
N ARG A 227 6.55 22.01 14.53
CA ARG A 227 5.88 22.16 13.25
C ARG A 227 4.74 21.15 13.15
N ILE A 228 4.83 20.08 13.93
CA ILE A 228 3.82 19.04 13.89
C ILE A 228 2.90 18.98 15.13
N ARG A 229 3.22 19.76 16.16
CA ARG A 229 2.44 19.77 17.39
C ARG A 229 0.94 20.03 17.22
N PRO A 230 0.56 21.09 16.47
CA PRO A 230 -0.85 21.41 16.26
C PRO A 230 -1.70 20.37 15.52
N MET A 231 -1.05 19.39 14.91
CA MET A 231 -1.80 18.37 14.17
C MET A 231 -1.95 17.05 14.93
N VAL A 232 -1.13 16.86 15.95
CA VAL A 232 -1.17 15.63 16.72
C VAL A 232 -2.32 15.55 17.69
N ARG A 233 -2.85 14.34 17.88
CA ARG A 233 -3.97 14.11 18.80
C ARG A 233 -3.96 12.65 19.26
N ASP A 234 -4.77 12.33 20.26
CA ASP A 234 -4.87 10.96 20.74
C ASP A 234 -5.70 10.25 19.68
N GLY A 235 -5.07 9.28 19.00
CA GLY A 235 -5.75 8.54 17.94
C GLY A 235 -6.89 7.66 18.35
N VAL A 236 -6.76 6.99 19.49
CA VAL A 236 -7.79 6.10 19.99
C VAL A 236 -9.08 6.87 20.30
N TYR A 237 -8.93 7.96 21.03
CA TYR A 237 -10.09 8.77 21.38
C TYR A 237 -10.65 9.43 20.11
N PHE A 238 -9.77 9.80 19.19
CA PHE A 238 -10.25 10.43 17.97
C PHE A 238 -11.12 9.49 17.15
N MET A 239 -10.68 8.25 16.96
CA MET A 239 -11.46 7.29 16.18
C MET A 239 -12.69 6.81 16.93
N TYR A 240 -12.55 6.62 18.24
CA TYR A 240 -13.70 6.16 19.00
C TYR A 240 -14.82 7.18 18.90
N GLU A 241 -14.49 8.46 19.11
CA GLU A 241 -15.45 9.55 19.05
C GLU A 241 -16.16 9.58 17.70
N ALA A 242 -15.39 9.33 16.64
CA ALA A 242 -15.91 9.35 15.29
C ALA A 242 -16.78 8.14 14.94
N LEU A 243 -16.51 7.00 15.54
CA LEU A 243 -17.30 5.82 15.23
C LEU A 243 -18.54 5.68 16.11
N HIS A 244 -18.57 6.41 17.22
CA HIS A 244 -19.71 6.33 18.12
C HIS A 244 -20.42 7.66 18.34
N GLY A 245 -19.95 8.69 17.66
CA GLY A 245 -20.59 9.99 17.77
C GLY A 245 -21.62 10.02 16.65
N PRO A 246 -21.98 11.21 16.14
CA PRO A 246 -22.98 11.18 15.07
C PRO A 246 -22.36 10.40 13.91
N PRO A 247 -23.18 9.64 13.16
CA PRO A 247 -22.68 8.85 12.04
C PRO A 247 -21.73 9.61 11.12
N LYS A 248 -20.65 8.92 10.75
CA LYS A 248 -19.66 9.52 9.86
C LYS A 248 -19.22 8.50 8.83
N LYS A 249 -18.71 9.00 7.71
CA LYS A 249 -18.21 8.12 6.66
C LYS A 249 -16.69 8.09 6.81
N VAL A 250 -16.19 6.95 7.31
CA VAL A 250 -14.76 6.78 7.52
C VAL A 250 -14.17 5.80 6.52
N LEU A 251 -13.18 6.28 5.78
CA LEU A 251 -12.51 5.51 4.75
C LEU A 251 -11.07 5.18 5.18
N VAL A 252 -10.70 3.91 5.05
CA VAL A 252 -9.36 3.47 5.40
C VAL A 252 -8.58 3.05 4.16
N GLU A 253 -7.50 3.77 3.91
CA GLU A 253 -6.62 3.55 2.77
C GLU A 253 -5.51 2.59 3.13
N GLY A 254 -5.56 1.39 2.57
CA GLY A 254 -4.51 0.42 2.85
C GLY A 254 -3.24 0.80 2.13
N ALA A 255 -2.14 0.18 2.50
CA ALA A 255 -0.85 0.44 1.88
C ALA A 255 -0.19 -0.89 1.57
N ASN A 256 0.74 -0.90 0.62
CA ASN A 256 1.43 -2.12 0.23
C ASN A 256 0.33 -3.10 -0.20
N ALA A 257 0.52 -4.40 0.02
CA ALA A 257 -0.51 -5.35 -0.40
C ALA A 257 -0.48 -6.70 0.31
N ALA A 258 -1.54 -7.47 0.09
CA ALA A 258 -1.72 -8.78 0.71
C ALA A 258 -0.49 -9.67 0.70
N LEU A 259 0.04 -9.94 -0.48
CA LEU A 259 1.19 -10.80 -0.59
C LEU A 259 2.51 -10.16 -0.14
N LEU A 260 2.42 -8.94 0.40
CA LEU A 260 3.60 -8.24 0.93
C LEU A 260 3.50 -8.20 2.45
N ASP A 261 2.41 -8.77 2.97
CA ASP A 261 2.13 -8.82 4.40
C ASP A 261 3.22 -9.55 5.17
N ILE A 262 3.64 -8.98 6.29
CA ILE A 262 4.70 -9.56 7.11
C ILE A 262 4.35 -10.97 7.58
N ASP A 263 3.06 -11.25 7.76
CA ASP A 263 2.62 -12.57 8.19
C ASP A 263 2.20 -13.48 7.04
N PHE A 264 1.36 -12.96 6.16
CA PHE A 264 0.82 -13.77 5.06
C PHE A 264 1.45 -13.63 3.68
N GLY A 265 2.42 -12.75 3.54
CA GLY A 265 3.04 -12.57 2.24
C GLY A 265 4.14 -13.56 1.94
N THR A 266 4.82 -13.36 0.82
CA THR A 266 5.91 -14.23 0.41
C THR A 266 7.16 -13.93 1.26
N TYR A 267 7.01 -14.11 2.57
CA TYR A 267 8.09 -13.87 3.52
C TYR A 267 9.35 -14.62 3.08
N PRO A 268 10.54 -14.01 3.22
CA PRO A 268 10.88 -12.67 3.77
C PRO A 268 10.82 -11.55 2.74
N PHE A 269 10.41 -11.86 1.52
CA PHE A 269 10.31 -10.85 0.48
C PHE A 269 8.96 -10.16 0.65
N VAL A 270 8.87 -9.39 1.73
CA VAL A 270 7.67 -8.66 2.14
C VAL A 270 8.02 -7.34 2.81
N THR A 271 6.99 -6.54 3.09
CA THR A 271 7.17 -5.29 3.80
C THR A 271 7.00 -5.71 5.27
N SER A 272 7.28 -4.83 6.22
CA SER A 272 7.21 -5.21 7.63
C SER A 272 5.98 -4.85 8.46
N SER A 273 4.81 -4.80 7.84
CA SER A 273 3.60 -4.50 8.57
C SER A 273 2.51 -5.40 8.01
N ASN A 274 1.36 -5.44 8.67
CA ASN A 274 0.27 -6.26 8.18
C ASN A 274 -0.57 -5.40 7.22
N CYS A 275 -0.39 -5.64 5.92
CA CYS A 275 -1.12 -4.88 4.90
C CYS A 275 -2.51 -5.46 4.73
N THR A 276 -2.77 -6.58 5.39
CA THR A 276 -4.08 -7.21 5.28
C THR A 276 -5.09 -6.57 6.22
N VAL A 277 -6.34 -7.00 6.11
CA VAL A 277 -7.43 -6.43 6.90
C VAL A 277 -7.16 -6.25 8.40
N GLY A 278 -6.52 -7.22 9.03
CA GLY A 278 -6.23 -7.10 10.45
C GLY A 278 -5.51 -5.80 10.79
N GLY A 279 -4.74 -5.31 9.83
CA GLY A 279 -3.97 -4.08 10.01
C GLY A 279 -4.80 -2.84 10.24
N VAL A 280 -6.06 -2.87 9.82
CA VAL A 280 -6.94 -1.73 10.03
C VAL A 280 -7.23 -1.66 11.53
N CYS A 281 -7.57 -2.81 12.11
CA CYS A 281 -7.85 -2.87 13.55
C CYS A 281 -6.64 -2.47 14.39
N THR A 282 -5.50 -3.14 14.20
CA THR A 282 -4.31 -2.82 14.99
C THR A 282 -3.71 -1.44 14.69
N GLY A 283 -4.01 -0.91 13.51
CA GLY A 283 -3.46 0.38 13.12
C GLY A 283 -4.26 1.62 13.48
N LEU A 284 -5.56 1.45 13.71
CA LEU A 284 -6.42 2.57 14.05
C LEU A 284 -7.10 2.37 15.39
N GLY A 285 -6.90 1.18 15.97
CA GLY A 285 -7.51 0.90 17.25
C GLY A 285 -9.03 0.76 17.17
N ILE A 286 -9.51 0.12 16.12
CA ILE A 286 -10.95 -0.08 15.98
C ILE A 286 -11.29 -1.56 15.86
N PRO A 287 -12.33 -1.99 16.59
CA PRO A 287 -12.78 -3.37 16.60
C PRO A 287 -13.36 -3.83 15.27
N PRO A 288 -13.35 -5.14 15.03
CA PRO A 288 -13.89 -5.69 13.78
C PRO A 288 -15.33 -5.32 13.45
N GLN A 289 -16.19 -5.17 14.45
CA GLN A 289 -17.58 -4.83 14.15
C GLN A 289 -17.72 -3.43 13.53
N ASN A 290 -16.70 -2.60 13.70
CA ASN A 290 -16.74 -1.27 13.11
C ASN A 290 -16.10 -1.25 11.73
N ILE A 291 -15.79 -2.43 11.21
CA ILE A 291 -15.24 -2.53 9.87
C ILE A 291 -16.39 -3.01 9.00
N GLY A 292 -16.63 -2.32 7.89
CA GLY A 292 -17.72 -2.71 7.01
C GLY A 292 -17.23 -3.25 5.68
N ASP A 293 -17.47 -2.48 4.62
CA ASP A 293 -17.05 -2.86 3.28
C ASP A 293 -15.54 -2.92 3.18
N VAL A 294 -15.03 -4.04 2.69
CA VAL A 294 -13.59 -4.20 2.49
C VAL A 294 -13.35 -4.51 1.02
N TYR A 295 -12.86 -3.50 0.31
CA TYR A 295 -12.61 -3.63 -1.12
C TYR A 295 -11.21 -4.08 -1.52
N GLY A 296 -11.16 -5.10 -2.37
CA GLY A 296 -9.88 -5.59 -2.85
C GLY A 296 -9.55 -5.00 -4.20
N VAL A 297 -8.49 -4.20 -4.26
CA VAL A 297 -8.07 -3.59 -5.51
C VAL A 297 -7.23 -4.64 -6.24
N VAL A 298 -7.72 -5.06 -7.39
CA VAL A 298 -7.09 -6.10 -8.20
C VAL A 298 -6.68 -5.60 -9.58
N LYS A 299 -5.39 -5.69 -9.88
CA LYS A 299 -4.90 -5.26 -11.19
C LYS A 299 -5.20 -6.35 -12.22
N ALA A 300 -5.56 -5.95 -13.44
CA ALA A 300 -5.88 -6.89 -14.52
C ALA A 300 -4.75 -7.86 -14.81
N TYR A 301 -3.54 -7.50 -14.37
CA TYR A 301 -2.35 -8.34 -14.52
C TYR A 301 -1.54 -8.12 -13.24
N THR A 302 -0.43 -8.84 -13.07
CA THR A 302 0.37 -8.73 -11.84
C THR A 302 1.70 -7.99 -11.96
N THR A 303 2.11 -7.33 -10.86
CA THR A 303 3.39 -6.63 -10.80
C THR A 303 4.06 -6.86 -9.45
N ARG A 304 5.38 -6.78 -9.42
CA ARG A 304 6.16 -6.96 -8.20
C ARG A 304 7.33 -5.99 -8.32
N VAL A 305 7.62 -5.23 -7.27
CA VAL A 305 8.71 -4.26 -7.31
C VAL A 305 10.05 -4.86 -6.92
N GLY A 306 10.05 -5.68 -5.86
CA GLY A 306 11.31 -6.25 -5.40
C GLY A 306 11.58 -7.70 -5.74
N ILE A 307 12.57 -8.25 -5.04
CA ILE A 307 13.00 -9.65 -5.21
C ILE A 307 11.95 -10.62 -4.67
N GLY A 308 12.05 -11.89 -5.07
CA GLY A 308 11.10 -12.90 -4.61
C GLY A 308 10.35 -13.60 -5.72
N ALA A 309 9.72 -14.73 -5.39
CA ALA A 309 8.96 -15.53 -6.35
C ALA A 309 7.84 -14.74 -7.03
N PHE A 310 7.63 -15.03 -8.31
CA PHE A 310 6.61 -14.36 -9.12
C PHE A 310 6.22 -15.38 -10.20
N PRO A 311 5.42 -16.38 -9.83
CA PRO A 311 4.94 -17.45 -10.72
C PRO A 311 4.58 -17.08 -12.18
N THR A 312 3.70 -16.10 -12.36
CA THR A 312 3.28 -15.72 -13.71
C THR A 312 4.13 -14.64 -14.36
N GLU A 313 5.30 -14.36 -13.78
CA GLU A 313 6.18 -13.34 -14.32
C GLU A 313 6.49 -13.60 -15.81
N GLN A 314 6.41 -12.54 -16.60
CA GLN A 314 6.68 -12.63 -18.02
C GLN A 314 7.88 -11.78 -18.38
N ILE A 315 9.05 -12.40 -18.47
CA ILE A 315 10.26 -11.68 -18.85
C ILE A 315 10.39 -11.82 -20.36
N ASN A 316 9.59 -11.04 -21.08
CA ASN A 316 9.60 -11.12 -22.53
C ASN A 316 8.78 -10.01 -23.18
N GLU A 317 8.42 -10.24 -24.43
CA GLU A 317 7.64 -9.30 -25.23
C GLU A 317 6.35 -8.91 -24.51
N ILE A 318 5.68 -9.90 -23.94
CA ILE A 318 4.45 -9.66 -23.21
C ILE A 318 4.73 -8.80 -21.98
N GLY A 319 5.78 -9.17 -21.23
CA GLY A 319 6.13 -8.42 -20.05
C GLY A 319 6.46 -6.98 -20.37
N ASP A 320 7.13 -6.74 -21.49
CA ASP A 320 7.50 -5.39 -21.90
C ASP A 320 6.27 -4.57 -22.25
N LEU A 321 5.31 -5.21 -22.91
CA LEU A 321 4.07 -4.55 -23.29
C LEU A 321 3.28 -4.11 -22.06
N LEU A 322 3.12 -5.02 -21.10
CA LEU A 322 2.38 -4.70 -19.88
C LEU A 322 3.13 -3.57 -19.18
N GLN A 323 4.44 -3.74 -19.09
CA GLN A 323 5.32 -2.77 -18.46
C GLN A 323 5.17 -1.42 -19.14
N ASN A 324 5.14 -1.45 -20.46
CA ASN A 324 5.01 -0.23 -21.25
C ASN A 324 3.63 0.42 -21.22
N ARG A 325 2.60 -0.31 -21.65
CA ARG A 325 1.25 0.24 -21.66
C ARG A 325 0.79 0.55 -20.26
N GLY A 326 1.36 -0.14 -19.28
CA GLY A 326 0.97 0.10 -17.90
C GLY A 326 1.78 1.13 -17.13
N HIS A 327 2.92 1.57 -17.68
CA HIS A 327 3.79 2.53 -17.00
C HIS A 327 4.27 1.93 -15.68
N GLU A 328 4.61 0.65 -15.68
CA GLU A 328 5.03 0.00 -14.45
C GLU A 328 6.46 0.29 -14.04
N TRP A 329 6.66 1.45 -13.46
CA TRP A 329 7.98 1.86 -12.99
C TRP A 329 7.84 2.83 -11.82
N GLY A 330 8.90 2.96 -11.02
CA GLY A 330 8.86 3.87 -9.88
C GLY A 330 8.78 5.31 -10.36
N VAL A 331 7.93 6.10 -9.70
CA VAL A 331 7.75 7.51 -10.06
C VAL A 331 9.03 8.35 -10.05
N THR A 332 9.88 8.14 -9.07
CA THR A 332 11.12 8.91 -8.96
C THR A 332 12.32 8.19 -9.54
N THR A 333 12.68 7.08 -8.90
CA THR A 333 13.82 6.25 -9.30
C THR A 333 13.67 5.69 -10.72
N GLY A 334 12.43 5.56 -11.19
CA GLY A 334 12.19 5.05 -12.53
C GLY A 334 12.51 3.56 -12.70
N ARG A 335 12.72 2.86 -11.58
CA ARG A 335 13.02 1.43 -11.63
C ARG A 335 11.74 0.71 -12.11
N LYS A 336 11.86 -0.01 -13.21
CA LYS A 336 10.73 -0.74 -13.80
C LYS A 336 10.31 -1.87 -12.89
N ARG A 337 9.03 -2.21 -12.93
CA ARG A 337 8.50 -3.28 -12.10
C ARG A 337 8.34 -4.58 -12.90
N ARG A 338 8.50 -5.71 -12.22
CA ARG A 338 8.35 -7.00 -12.87
C ARG A 338 6.87 -7.15 -13.25
N CYS A 339 6.59 -7.62 -14.46
CA CYS A 339 5.20 -7.78 -14.90
C CYS A 339 4.88 -9.22 -15.28
N GLY A 340 3.63 -9.61 -15.05
CA GLY A 340 3.20 -10.96 -15.36
C GLY A 340 1.69 -11.05 -15.52
N TRP A 341 1.24 -12.19 -16.03
CA TRP A 341 -0.19 -12.42 -16.25
C TRP A 341 -0.94 -12.38 -14.93
N LEU A 342 -2.27 -12.26 -14.98
CA LEU A 342 -3.09 -12.25 -13.78
C LEU A 342 -2.86 -13.62 -13.11
N ASP A 343 -2.84 -13.64 -11.79
CA ASP A 343 -2.60 -14.89 -11.05
C ASP A 343 -3.68 -15.08 -9.98
N LEU A 344 -4.55 -16.06 -10.19
CA LEU A 344 -5.64 -16.33 -9.26
C LEU A 344 -5.24 -17.01 -7.97
N MET A 345 -4.12 -17.72 -7.97
CA MET A 345 -3.68 -18.37 -6.74
C MET A 345 -3.46 -17.32 -5.64
N ILE A 346 -2.72 -16.26 -5.96
CA ILE A 346 -2.46 -15.22 -4.96
C ILE A 346 -3.72 -14.43 -4.62
N LEU A 347 -4.61 -14.26 -5.58
CA LEU A 347 -5.84 -13.52 -5.34
C LEU A 347 -6.82 -14.26 -4.41
N ARG A 348 -6.96 -15.55 -4.64
CA ARG A 348 -7.86 -16.38 -3.88
C ARG A 348 -7.31 -16.45 -2.46
N TYR A 349 -5.99 -16.54 -2.36
CA TYR A 349 -5.32 -16.61 -1.06
C TYR A 349 -5.53 -15.28 -0.33
N ALA A 350 -5.33 -14.18 -1.05
CA ALA A 350 -5.51 -12.84 -0.50
C ALA A 350 -6.92 -12.72 0.08
N HIS A 351 -7.90 -13.27 -0.63
CA HIS A 351 -9.27 -13.19 -0.17
C HIS A 351 -9.52 -14.01 1.09
N MET A 352 -8.87 -15.16 1.21
CA MET A 352 -9.06 -16.00 2.39
C MET A 352 -8.67 -15.23 3.64
N VAL A 353 -7.67 -14.38 3.50
CA VAL A 353 -7.18 -13.59 4.62
C VAL A 353 -7.92 -12.27 4.81
N ASN A 354 -8.31 -11.63 3.71
CA ASN A 354 -8.98 -10.34 3.79
C ASN A 354 -10.50 -10.33 3.80
N GLY A 355 -11.10 -11.37 3.24
CA GLY A 355 -12.55 -11.41 3.19
C GLY A 355 -13.12 -10.17 2.49
N PHE A 356 -12.67 -9.92 1.26
CA PHE A 356 -13.14 -8.77 0.51
C PHE A 356 -14.67 -8.86 0.34
N THR A 357 -15.34 -7.72 0.37
CA THR A 357 -16.79 -7.75 0.17
C THR A 357 -17.07 -7.42 -1.29
N ALA A 358 -16.10 -6.80 -1.94
CA ALA A 358 -16.23 -6.44 -3.34
C ALA A 358 -14.84 -6.11 -3.89
N LEU A 359 -14.72 -6.03 -5.21
CA LEU A 359 -13.44 -5.76 -5.85
C LEU A 359 -13.43 -4.55 -6.80
N ALA A 360 -12.24 -4.05 -7.05
CA ALA A 360 -12.04 -2.96 -7.97
C ALA A 360 -10.99 -3.54 -8.91
N LEU A 361 -11.42 -3.91 -10.12
CA LEU A 361 -10.51 -4.48 -11.12
C LEU A 361 -9.99 -3.30 -11.94
N THR A 362 -8.68 -3.06 -11.82
CA THR A 362 -8.03 -1.94 -12.49
C THR A 362 -7.18 -2.26 -13.70
N LYS A 363 -6.88 -1.20 -14.44
CA LYS A 363 -6.02 -1.25 -15.62
C LYS A 363 -6.48 -2.24 -16.68
N LEU A 364 -7.81 -2.37 -16.82
CA LEU A 364 -8.38 -3.25 -17.82
C LEU A 364 -7.97 -2.78 -19.21
N ASP A 365 -7.90 -1.46 -19.40
CA ASP A 365 -7.54 -0.88 -20.69
C ASP A 365 -6.17 -1.32 -21.20
N ILE A 366 -5.26 -1.66 -20.29
CA ILE A 366 -3.93 -2.10 -20.71
C ILE A 366 -4.00 -3.37 -21.59
N LEU A 367 -5.03 -4.18 -21.38
CA LEU A 367 -5.17 -5.41 -22.13
C LEU A 367 -5.95 -5.22 -23.43
N ASP A 368 -6.40 -4.00 -23.69
CA ASP A 368 -7.16 -3.69 -24.90
C ASP A 368 -6.56 -4.22 -26.21
N VAL A 369 -5.23 -4.21 -26.31
CA VAL A 369 -4.55 -4.63 -27.54
C VAL A 369 -4.16 -6.10 -27.67
N LEU A 370 -4.49 -6.93 -26.69
CA LEU A 370 -4.10 -8.34 -26.76
C LEU A 370 -5.14 -9.24 -27.45
N SER A 371 -4.65 -10.18 -28.26
CA SER A 371 -5.52 -11.11 -28.97
C SER A 371 -6.02 -12.17 -28.02
N GLU A 372 -5.14 -12.60 -27.13
CA GLU A 372 -5.51 -13.58 -26.12
C GLU A 372 -4.77 -13.23 -24.83
N ILE A 373 -5.46 -13.42 -23.71
CA ILE A 373 -4.90 -13.11 -22.40
C ILE A 373 -4.85 -14.37 -21.57
N LYS A 374 -3.68 -14.67 -21.00
CA LYS A 374 -3.53 -15.85 -20.16
C LYS A 374 -3.76 -15.48 -18.70
N VAL A 375 -4.26 -16.43 -17.92
CA VAL A 375 -4.53 -16.22 -16.50
C VAL A 375 -4.11 -17.43 -15.67
N GLY A 376 -3.23 -17.21 -14.70
CA GLY A 376 -2.80 -18.32 -13.86
C GLY A 376 -3.94 -18.79 -12.99
N ILE A 377 -4.28 -20.07 -13.05
CA ILE A 377 -5.38 -20.58 -12.25
C ILE A 377 -4.96 -21.51 -11.11
N SER A 378 -3.83 -22.19 -11.26
CA SER A 378 -3.34 -23.08 -10.21
C SER A 378 -1.85 -23.34 -10.40
N TYR A 379 -1.21 -24.00 -9.42
CA TYR A 379 0.21 -24.31 -9.51
C TYR A 379 0.45 -25.82 -9.38
N LYS A 380 1.44 -26.30 -10.13
CA LYS A 380 1.82 -27.70 -10.11
C LYS A 380 3.30 -27.77 -9.74
N LEU A 381 3.65 -28.66 -8.81
CA LEU A 381 5.03 -28.80 -8.38
C LEU A 381 5.67 -30.02 -9.04
N ASN A 382 5.10 -31.19 -8.80
CA ASN A 382 5.61 -32.41 -9.42
C ASN A 382 4.50 -32.98 -10.28
N GLY A 383 4.06 -32.19 -11.25
CA GLY A 383 3.00 -32.62 -12.13
C GLY A 383 1.72 -32.71 -11.34
N LYS A 384 1.77 -32.28 -10.07
CA LYS A 384 0.61 -32.32 -9.19
C LYS A 384 0.21 -30.92 -8.74
N ARG A 385 -1.10 -30.67 -8.70
CA ARG A 385 -1.62 -29.38 -8.30
C ARG A 385 -1.56 -29.17 -6.79
N ILE A 386 -0.79 -28.18 -6.37
CA ILE A 386 -0.64 -27.86 -4.95
C ILE A 386 -2.02 -27.61 -4.39
N PRO A 387 -2.28 -28.07 -3.17
CA PRO A 387 -3.60 -27.85 -2.59
C PRO A 387 -3.85 -26.41 -2.13
N TYR A 388 -2.77 -25.67 -1.84
CA TYR A 388 -2.91 -24.29 -1.38
C TYR A 388 -1.63 -23.47 -1.55
N PHE A 389 -1.76 -22.14 -1.40
CA PHE A 389 -0.61 -21.24 -1.53
C PHE A 389 0.47 -21.60 -0.52
N PRO A 390 1.68 -21.87 -1.00
CA PRO A 390 2.84 -22.25 -0.18
C PRO A 390 3.30 -21.20 0.81
N ALA A 391 3.49 -21.61 2.06
CA ALA A 391 3.97 -20.67 3.09
C ALA A 391 5.46 -20.41 2.81
N ASN A 392 6.15 -21.43 2.30
CA ASN A 392 7.56 -21.32 1.97
C ASN A 392 7.70 -20.75 0.56
N GLN A 393 8.16 -19.51 0.49
CA GLN A 393 8.35 -18.79 -0.77
C GLN A 393 9.27 -19.54 -1.73
N GLU A 394 10.19 -20.33 -1.19
CA GLU A 394 11.14 -21.09 -2.00
C GLU A 394 10.40 -22.09 -2.88
N ILE A 395 9.28 -22.61 -2.40
CA ILE A 395 8.47 -23.55 -3.17
C ILE A 395 7.92 -22.88 -4.42
N LEU A 396 7.36 -21.69 -4.26
CA LEU A 396 6.79 -20.95 -5.39
C LEU A 396 7.76 -20.83 -6.55
N GLN A 397 9.04 -20.69 -6.23
CA GLN A 397 10.07 -20.58 -7.26
C GLN A 397 10.14 -21.84 -8.10
N LYS A 398 9.68 -22.95 -7.53
CA LYS A 398 9.72 -24.24 -8.20
C LYS A 398 8.44 -24.66 -8.92
N VAL A 399 7.32 -24.02 -8.58
CA VAL A 399 6.04 -24.38 -9.18
C VAL A 399 5.91 -24.03 -10.66
N GLU A 400 5.00 -24.74 -11.32
CA GLU A 400 4.73 -24.52 -12.73
C GLU A 400 3.30 -23.99 -12.79
N VAL A 401 3.08 -22.85 -13.43
CA VAL A 401 1.74 -22.28 -13.51
C VAL A 401 0.89 -23.01 -14.54
N GLU A 402 -0.36 -23.26 -14.16
CA GLU A 402 -1.31 -23.89 -15.06
C GLU A 402 -2.13 -22.70 -15.52
N TYR A 403 -2.06 -22.40 -16.81
CA TYR A 403 -2.77 -21.25 -17.38
C TYR A 403 -4.06 -21.59 -18.08
N GLU A 404 -4.88 -20.56 -18.24
CA GLU A 404 -6.15 -20.64 -18.93
C GLU A 404 -6.05 -19.47 -19.90
N THR A 405 -6.21 -19.73 -21.19
CA THR A 405 -6.13 -18.66 -22.17
C THR A 405 -7.51 -18.11 -22.48
N LEU A 406 -7.63 -16.79 -22.50
CA LEU A 406 -8.90 -16.14 -22.78
C LEU A 406 -8.80 -15.21 -23.99
N PRO A 407 -9.88 -15.13 -24.78
CA PRO A 407 -9.85 -14.25 -25.95
C PRO A 407 -9.86 -12.78 -25.53
N GLY A 408 -9.13 -11.94 -26.27
CA GLY A 408 -9.11 -10.53 -25.96
C GLY A 408 -10.30 -9.88 -26.63
N TRP A 409 -10.66 -8.67 -26.21
CA TRP A 409 -11.77 -7.95 -26.82
C TRP A 409 -11.22 -7.03 -27.91
N LYS A 410 -9.90 -7.00 -28.02
CA LYS A 410 -9.20 -6.19 -29.03
C LYS A 410 -9.94 -4.91 -29.41
N ALA A 411 -10.19 -4.06 -28.41
CA ALA A 411 -10.91 -2.81 -28.64
C ALA A 411 -10.60 -1.80 -27.53
N ASP A 412 -10.63 -0.52 -27.87
CA ASP A 412 -10.33 0.57 -26.92
C ASP A 412 -11.46 0.77 -25.92
N THR A 413 -11.18 0.49 -24.65
CA THR A 413 -12.18 0.63 -23.60
C THR A 413 -11.94 1.83 -22.70
N THR A 414 -10.92 2.63 -23.00
CA THR A 414 -10.59 3.79 -22.17
C THR A 414 -11.74 4.77 -21.97
N GLY A 415 -12.76 4.69 -22.82
CA GLY A 415 -13.89 5.60 -22.72
C GLY A 415 -15.15 4.94 -22.18
N ALA A 416 -15.02 3.69 -21.74
CA ALA A 416 -16.15 2.96 -21.20
C ALA A 416 -16.54 3.58 -19.87
N ARG A 417 -17.85 3.75 -19.68
CA ARG A 417 -18.38 4.34 -18.46
C ARG A 417 -19.53 3.53 -17.90
N LYS A 418 -19.95 2.50 -18.62
CA LYS A 418 -21.05 1.64 -18.18
C LYS A 418 -20.69 0.22 -18.53
N TRP A 419 -21.30 -0.72 -17.83
CA TRP A 419 -21.07 -2.13 -18.07
C TRP A 419 -21.33 -2.46 -19.54
N GLU A 420 -22.43 -1.96 -20.08
CA GLU A 420 -22.79 -2.21 -21.48
C GLU A 420 -21.76 -1.65 -22.47
N ASP A 421 -21.04 -0.62 -22.06
CA ASP A 421 -20.04 -0.04 -22.93
C ASP A 421 -18.93 -1.03 -23.23
N LEU A 422 -18.59 -1.86 -22.24
CA LEU A 422 -17.52 -2.85 -22.42
C LEU A 422 -17.87 -3.95 -23.40
N PRO A 423 -16.96 -4.27 -24.33
CA PRO A 423 -17.20 -5.32 -25.32
C PRO A 423 -17.27 -6.71 -24.65
N PRO A 424 -17.93 -7.67 -25.32
CA PRO A 424 -18.13 -9.06 -24.87
C PRO A 424 -16.95 -9.72 -24.15
N GLN A 425 -15.81 -9.81 -24.81
CA GLN A 425 -14.62 -10.43 -24.23
C GLN A 425 -14.18 -9.75 -22.93
N ALA A 426 -14.38 -8.44 -22.85
CA ALA A 426 -13.98 -7.70 -21.66
C ALA A 426 -14.91 -8.03 -20.49
N GLN A 427 -16.21 -8.08 -20.75
CA GLN A 427 -17.16 -8.41 -19.69
C GLN A 427 -16.86 -9.82 -19.19
N SER A 428 -16.49 -10.68 -20.12
CA SER A 428 -16.16 -12.06 -19.81
C SER A 428 -14.96 -12.10 -18.88
N TYR A 429 -13.97 -11.26 -19.15
CA TYR A 429 -12.77 -11.19 -18.33
C TYR A 429 -13.15 -10.79 -16.90
N VAL A 430 -14.02 -9.78 -16.79
CA VAL A 430 -14.46 -9.33 -15.47
C VAL A 430 -15.16 -10.48 -14.73
N ARG A 431 -16.05 -11.19 -15.42
CA ARG A 431 -16.75 -12.32 -14.81
C ARG A 431 -15.77 -13.40 -14.40
N PHE A 432 -14.77 -13.63 -15.24
CA PHE A 432 -13.79 -14.66 -14.94
C PHE A 432 -13.21 -14.39 -13.56
N VAL A 433 -12.83 -13.13 -13.32
CA VAL A 433 -12.24 -12.74 -12.04
C VAL A 433 -13.21 -12.96 -10.88
N GLU A 434 -14.44 -12.47 -11.01
CA GLU A 434 -15.43 -12.63 -9.96
C GLU A 434 -15.63 -14.11 -9.65
N ASN A 435 -15.89 -14.89 -10.69
CA ASN A 435 -16.15 -16.31 -10.54
C ASN A 435 -15.09 -17.12 -9.83
N HIS A 436 -13.82 -16.94 -10.22
CA HIS A 436 -12.75 -17.69 -9.61
C HIS A 436 -12.26 -17.15 -8.28
N MET A 437 -12.86 -16.05 -7.82
CA MET A 437 -12.51 -15.44 -6.55
C MET A 437 -13.69 -15.52 -5.61
N GLY A 438 -14.86 -15.79 -6.16
CA GLY A 438 -16.05 -15.89 -5.33
C GLY A 438 -16.48 -14.55 -4.75
N VAL A 439 -15.88 -13.48 -5.27
CA VAL A 439 -16.23 -12.14 -4.82
C VAL A 439 -16.63 -11.35 -6.06
N ALA A 440 -17.59 -10.45 -5.90
CA ALA A 440 -18.07 -9.63 -6.99
C ALA A 440 -17.26 -8.37 -7.23
N VAL A 441 -17.12 -8.01 -8.51
CA VAL A 441 -16.40 -6.82 -8.90
C VAL A 441 -17.41 -5.67 -8.88
N LYS A 442 -17.07 -4.60 -8.16
CA LYS A 442 -17.94 -3.44 -8.03
C LYS A 442 -17.46 -2.28 -8.90
N TRP A 443 -16.17 -2.28 -9.24
CA TRP A 443 -15.60 -1.22 -10.06
C TRP A 443 -14.61 -1.75 -11.07
N VAL A 444 -14.62 -1.15 -12.25
CA VAL A 444 -13.70 -1.50 -13.31
C VAL A 444 -12.95 -0.26 -13.76
N GLY A 445 -11.63 -0.30 -13.64
CA GLY A 445 -10.83 0.85 -14.04
C GLY A 445 -10.36 0.76 -15.49
N VAL A 446 -10.48 1.87 -16.21
CA VAL A 446 -10.06 1.92 -17.60
C VAL A 446 -9.26 3.19 -17.90
N GLY A 447 -8.67 3.77 -16.85
CA GLY A 447 -7.87 4.98 -17.00
C GLY A 447 -7.40 5.40 -15.63
N LYS A 448 -6.30 6.15 -15.56
CA LYS A 448 -5.79 6.57 -14.26
C LYS A 448 -6.57 7.68 -13.59
N SER A 449 -7.30 8.46 -14.37
CA SER A 449 -8.07 9.56 -13.80
C SER A 449 -9.29 9.10 -13.03
N ARG A 450 -9.77 9.94 -12.11
CA ARG A 450 -10.93 9.61 -11.29
C ARG A 450 -12.14 9.15 -12.11
N GLU A 451 -12.57 9.95 -13.08
CA GLU A 451 -13.75 9.62 -13.88
C GLU A 451 -13.62 8.41 -14.80
N SER A 452 -12.41 7.83 -14.87
CA SER A 452 -12.18 6.66 -15.71
C SER A 452 -12.44 5.38 -14.92
N MET A 453 -13.71 5.21 -14.54
CA MET A 453 -14.16 4.07 -13.76
C MET A 453 -15.56 3.69 -14.15
N ILE A 454 -15.95 2.46 -13.83
CA ILE A 454 -17.28 1.97 -14.13
C ILE A 454 -17.81 1.26 -12.90
N GLN A 455 -18.95 1.73 -12.38
CA GLN A 455 -19.56 1.09 -11.23
C GLN A 455 -20.55 0.05 -11.72
N LEU A 456 -20.36 -1.19 -11.31
CA LEU A 456 -21.25 -2.27 -11.73
C LEU A 456 -22.51 -2.37 -10.85
N PHE A 457 -22.44 -1.86 -9.63
CA PHE A 457 -23.59 -1.90 -8.73
C PHE A 457 -23.41 -1.01 -7.50
#